data_3I81
#
_entry.id   3I81
#
_cell.length_a   107.366
_cell.length_b   41.097
_cell.length_c   78.816
_cell.angle_alpha   90.00
_cell.angle_beta   120.57
_cell.angle_gamma   90.00
#
_symmetry.space_group_name_H-M   'C 1 2 1'
#
loop_
_entity.id
_entity.type
_entity.pdbx_description
1 polymer 'Insulin-like growth factor 1 receptor'
2 non-polymer '1-{4-[(3-cyclopropyl-1H-pyrazol-5-yl)amino]pyrrolo[2,1-f][1,2,4]triazin-2-yl}-N-(6-fluoropyridin-3-yl)-2-methyl-L-proli namide'
3 water water
#
_entity_poly.entity_id   1
_entity_poly.type   'polypeptide(L)'
_entity_poly.pdbx_seq_one_letter_code
;MVSAADVYVPDEWEVAREKITMSRELGQGSFGMVYEGVAKGVVKDEPETRVAIKTVNEAASMRERIEFLNEASVMKEFNC
HHVVRLLGVVSQGQPTLVIMELMTRGDLKSYLRSLRPEMENNPVLAPPSLSKMIQMAGEIADGMAYLNANKFVHRDLAAR
NCMVAEDFTVKIGDFGMTRDIYETDYYRKGGKGLLPVRWMSPESLKDGVFTTYSDVWSFGVVLWEIATLAEQPYQGLSNE
QVLRFVMEGGLLDKPDNCPDMLFELMRMCWQYNPKMRPSFLEIISSIKEEMEPGFREVSFYYSEENKMENNPVLA
;
_entity_poly.pdbx_strand_id   A
#
loop_
_chem_comp.id
_chem_comp.type
_chem_comp.name
_chem_comp.formula
EBI non-polymer '1-{4-[(3-cyclopropyl-1H-pyrazol-5-yl)amino]pyrrolo[2,1-f][1,2,4]triazin-2-yl}-N-(6-fluoropyridin-3-yl)-2-methyl-L-proli namide' 'C23 H24 F N9 O'
#
# COMPACT_ATOMS: atom_id res chain seq x y z
N ASP A 6 8.10 -9.76 -22.95
CA ASP A 6 7.76 -10.92 -23.76
C ASP A 6 8.51 -12.17 -23.28
N VAL A 7 7.77 -13.27 -23.07
CA VAL A 7 8.28 -14.56 -22.59
C VAL A 7 8.55 -14.58 -21.10
N TYR A 8 8.05 -15.62 -20.40
CA TYR A 8 8.27 -15.80 -18.96
C TYR A 8 9.06 -17.09 -18.71
N VAL A 9 10.22 -16.95 -18.05
CA VAL A 9 11.09 -18.09 -17.71
C VAL A 9 10.78 -18.56 -16.29
N PRO A 10 10.36 -19.84 -16.09
CA PRO A 10 10.06 -20.32 -14.73
C PRO A 10 11.31 -20.40 -13.85
N ASP A 11 11.19 -19.96 -12.59
CA ASP A 11 12.29 -19.94 -11.61
C ASP A 11 11.96 -20.73 -10.33
N GLU A 12 12.68 -20.44 -9.21
CA GLU A 12 12.50 -21.10 -7.92
C GLU A 12 11.14 -20.78 -7.24
N TRP A 13 10.45 -19.73 -7.72
CA TRP A 13 9.15 -19.30 -7.22
C TRP A 13 7.99 -20.16 -7.74
N GLU A 14 8.26 -21.02 -8.77
CA GLU A 14 7.27 -21.91 -9.37
C GLU A 14 6.74 -22.92 -8.35
N VAL A 15 5.41 -22.98 -8.20
CA VAL A 15 4.71 -23.87 -7.27
C VAL A 15 3.74 -24.75 -8.08
N ALA A 16 3.72 -26.06 -7.77
CA ALA A 16 2.84 -27.05 -8.41
C ALA A 16 1.36 -26.69 -8.19
N ARG A 17 0.52 -26.91 -9.21
CA ARG A 17 -0.91 -26.62 -9.22
C ARG A 17 -1.68 -27.33 -8.09
N GLU A 18 -1.34 -28.61 -7.84
CA GLU A 18 -1.95 -29.48 -6.81
C GLU A 18 -1.85 -28.92 -5.39
N LYS A 19 -0.82 -28.09 -5.13
CA LYS A 19 -0.57 -27.45 -3.84
C LYS A 19 -1.52 -26.26 -3.58
N ILE A 20 -2.20 -25.77 -4.63
CA ILE A 20 -3.10 -24.61 -4.55
C ILE A 20 -4.59 -25.00 -4.55
N THR A 21 -5.37 -24.39 -3.64
CA THR A 21 -6.80 -24.57 -3.51
C THR A 21 -7.49 -23.20 -3.46
N MET A 22 -8.27 -22.86 -4.50
CA MET A 22 -8.99 -21.59 -4.61
C MET A 22 -10.38 -21.74 -3.97
N SER A 23 -10.77 -20.80 -3.10
CA SER A 23 -12.05 -20.83 -2.39
C SER A 23 -12.95 -19.60 -2.65
N ARG A 24 -13.07 -18.69 -1.66
CA ARG A 24 -13.91 -17.49 -1.76
C ARG A 24 -13.27 -16.37 -2.57
N GLU A 25 -14.11 -15.55 -3.23
CA GLU A 25 -13.68 -14.40 -4.02
C GLU A 25 -13.25 -13.27 -3.08
N LEU A 26 -12.22 -12.51 -3.49
CA LEU A 26 -11.74 -11.35 -2.74
C LEU A 26 -12.16 -10.08 -3.47
N GLY A 27 -12.03 -10.12 -4.80
CA GLY A 27 -12.38 -9.01 -5.68
C GLY A 27 -11.69 -9.07 -7.02
N GLN A 28 -12.17 -8.26 -7.98
CA GLN A 28 -11.64 -8.18 -9.33
C GLN A 28 -10.27 -7.50 -9.36
N GLY A 29 -9.33 -8.14 -10.02
CA GLY A 29 -7.97 -7.62 -10.21
C GLY A 29 -7.81 -7.00 -11.58
N SER A 30 -6.56 -6.63 -11.92
CA SER A 30 -6.24 -6.01 -13.21
C SER A 30 -6.32 -7.01 -14.38
N PHE A 31 -5.85 -8.26 -14.16
CA PHE A 31 -5.82 -9.31 -15.18
C PHE A 31 -6.92 -10.37 -15.03
N GLY A 32 -7.58 -10.40 -13.88
CA GLY A 32 -8.65 -11.35 -13.59
C GLY A 32 -9.08 -11.37 -12.14
N MET A 33 -10.01 -12.28 -11.82
CA MET A 33 -10.56 -12.46 -10.47
C MET A 33 -9.49 -12.91 -9.46
N VAL A 34 -9.53 -12.33 -8.25
CA VAL A 34 -8.62 -12.69 -7.18
C VAL A 34 -9.42 -13.45 -6.12
N TYR A 35 -8.93 -14.64 -5.76
CA TYR A 35 -9.57 -15.51 -4.79
C TYR A 35 -8.71 -15.68 -3.55
N GLU A 36 -9.34 -16.07 -2.44
CA GLU A 36 -8.63 -16.43 -1.22
C GLU A 36 -8.65 -17.97 -1.20
N GLY A 37 -7.76 -18.56 -0.42
CA GLY A 37 -7.69 -20.01 -0.32
C GLY A 37 -6.55 -20.50 0.54
N VAL A 38 -6.08 -21.73 0.26
CA VAL A 38 -5.01 -22.37 1.01
C VAL A 38 -3.91 -22.89 0.08
N ALA A 39 -2.66 -22.87 0.56
CA ALA A 39 -1.51 -23.34 -0.22
C ALA A 39 -0.57 -24.20 0.60
N LYS A 40 0.01 -25.22 -0.05
CA LYS A 40 0.95 -26.16 0.56
C LYS A 40 2.37 -25.88 0.08
N GLY A 41 3.29 -25.80 1.04
CA GLY A 41 4.72 -25.56 0.81
C GLY A 41 5.11 -24.22 0.22
N VAL A 42 4.34 -23.14 0.52
CA VAL A 42 4.64 -21.79 0.03
C VAL A 42 5.40 -20.97 1.09
N VAL A 43 5.13 -21.25 2.38
CA VAL A 43 5.80 -20.63 3.53
C VAL A 43 6.57 -21.80 4.15
N LYS A 44 7.79 -22.01 3.63
CA LYS A 44 8.69 -23.12 3.99
C LYS A 44 7.99 -24.45 3.71
N ASP A 45 7.80 -25.31 4.73
CA ASP A 45 7.13 -26.61 4.57
C ASP A 45 5.75 -26.66 5.25
N GLU A 46 5.12 -25.49 5.48
CA GLU A 46 3.78 -25.40 6.10
C GLU A 46 2.75 -26.06 5.18
N PRO A 47 2.04 -27.12 5.63
CA PRO A 47 1.06 -27.79 4.74
C PRO A 47 -0.17 -26.96 4.38
N GLU A 48 -0.55 -25.98 5.23
CA GLU A 48 -1.72 -25.15 5.00
C GLU A 48 -1.51 -23.69 5.40
N THR A 49 -1.35 -22.81 4.40
CA THR A 49 -1.19 -21.38 4.61
C THR A 49 -2.33 -20.65 3.90
N ARG A 50 -3.05 -19.78 4.62
CA ARG A 50 -4.13 -18.98 4.04
C ARG A 50 -3.49 -17.97 3.08
N VAL A 51 -3.89 -18.03 1.81
CA VAL A 51 -3.29 -17.21 0.75
C VAL A 51 -4.32 -16.46 -0.10
N ALA A 52 -3.84 -15.48 -0.87
CA ALA A 52 -4.60 -14.73 -1.86
C ALA A 52 -4.07 -15.21 -3.21
N ILE A 53 -4.97 -15.61 -4.12
CA ILE A 53 -4.61 -16.15 -5.42
C ILE A 53 -5.11 -15.24 -6.56
N LYS A 54 -4.16 -14.64 -7.29
CA LYS A 54 -4.47 -13.78 -8.44
C LYS A 54 -4.55 -14.66 -9.68
N THR A 55 -5.62 -14.48 -10.48
CA THR A 55 -5.83 -15.29 -11.69
C THR A 55 -5.85 -14.42 -12.95
N VAL A 56 -5.80 -15.07 -14.12
CA VAL A 56 -5.91 -14.47 -15.44
C VAL A 56 -7.21 -15.03 -16.01
N ASN A 57 -8.10 -14.15 -16.51
CA ASN A 57 -9.39 -14.54 -17.10
C ASN A 57 -9.18 -15.53 -18.25
N GLU A 58 -10.13 -16.49 -18.40
CA GLU A 58 -10.10 -17.54 -19.42
C GLU A 58 -9.98 -17.03 -20.86
N ALA A 59 -10.60 -15.88 -21.16
CA ALA A 59 -10.62 -15.25 -22.49
C ALA A 59 -9.35 -14.44 -22.84
N ALA A 60 -8.40 -14.29 -21.90
CA ALA A 60 -7.18 -13.52 -22.12
C ALA A 60 -6.17 -14.19 -23.06
N SER A 61 -5.41 -13.36 -23.79
CA SER A 61 -4.38 -13.79 -24.74
C SER A 61 -3.07 -14.16 -24.03
N MET A 62 -2.15 -14.83 -24.76
CA MET A 62 -0.82 -15.25 -24.27
C MET A 62 0.04 -14.04 -23.86
N ARG A 63 -0.11 -12.90 -24.59
CA ARG A 63 0.59 -11.64 -24.32
C ARG A 63 0.16 -11.10 -22.94
N GLU A 64 -1.16 -11.19 -22.63
CA GLU A 64 -1.75 -10.76 -21.36
C GLU A 64 -1.29 -11.61 -20.18
N ARG A 65 -1.15 -12.95 -20.39
CA ARG A 65 -0.70 -13.91 -19.39
C ARG A 65 0.77 -13.64 -19.03
N ILE A 66 1.60 -13.39 -20.06
CA ILE A 66 3.02 -13.09 -19.94
C ILE A 66 3.22 -11.73 -19.22
N GLU A 67 2.38 -10.73 -19.56
CA GLU A 67 2.39 -9.39 -18.97
C GLU A 67 2.08 -9.48 -17.47
N PHE A 68 1.09 -10.33 -17.09
CA PHE A 68 0.67 -10.58 -15.71
C PHE A 68 1.80 -11.18 -14.87
N LEU A 69 2.51 -12.19 -15.43
CA LEU A 69 3.61 -12.87 -14.77
C LEU A 69 4.84 -11.98 -14.55
N ASN A 70 5.21 -11.18 -15.56
CA ASN A 70 6.37 -10.28 -15.49
C ASN A 70 6.12 -9.09 -14.56
N GLU A 71 4.88 -8.55 -14.56
CA GLU A 71 4.46 -7.44 -13.70
C GLU A 71 4.47 -7.89 -12.23
N ALA A 72 3.98 -9.12 -11.96
CA ALA A 72 3.94 -9.70 -10.61
C ALA A 72 5.34 -10.03 -10.10
N SER A 73 6.27 -10.41 -11.00
CA SER A 73 7.65 -10.78 -10.71
C SER A 73 8.50 -9.70 -10.02
N VAL A 74 8.01 -8.44 -9.96
CA VAL A 74 8.68 -7.31 -9.29
C VAL A 74 8.70 -7.57 -7.77
N MET A 75 7.61 -8.18 -7.25
CA MET A 75 7.42 -8.53 -5.83
C MET A 75 8.45 -9.56 -5.31
N LYS A 76 9.04 -10.37 -6.21
CA LYS A 76 10.03 -11.42 -5.90
C LYS A 76 11.27 -10.87 -5.19
N GLU A 77 11.67 -9.62 -5.52
CA GLU A 77 12.82 -8.92 -4.97
C GLU A 77 12.60 -8.45 -3.51
N PHE A 78 11.35 -8.40 -3.03
CA PHE A 78 11.02 -7.91 -1.70
C PHE A 78 10.81 -8.98 -0.62
N ASN A 79 11.41 -8.74 0.55
CA ASN A 79 11.35 -9.57 1.75
C ASN A 79 11.26 -8.62 2.96
N CYS A 80 10.05 -8.11 3.21
CA CYS A 80 9.78 -7.16 4.29
C CYS A 80 8.47 -7.48 4.98
N HIS A 81 8.44 -7.37 6.31
CA HIS A 81 7.25 -7.61 7.12
C HIS A 81 6.17 -6.55 6.85
N HIS A 82 6.58 -5.36 6.38
CA HIS A 82 5.63 -4.27 6.10
C HIS A 82 5.33 -4.04 4.61
N VAL A 83 5.56 -5.09 3.79
CA VAL A 83 5.27 -5.12 2.34
C VAL A 83 4.59 -6.46 2.05
N VAL A 84 3.40 -6.45 1.39
CA VAL A 84 2.66 -7.67 1.03
C VAL A 84 3.58 -8.59 0.21
N ARG A 85 3.78 -9.83 0.68
CA ARG A 85 4.70 -10.81 0.09
C ARG A 85 4.12 -11.61 -1.07
N LEU A 86 5.00 -11.95 -2.03
CA LEU A 86 4.71 -12.86 -3.14
C LEU A 86 5.16 -14.22 -2.60
N LEU A 87 4.31 -15.23 -2.71
CA LEU A 87 4.63 -16.56 -2.17
C LEU A 87 4.92 -17.63 -3.21
N GLY A 88 4.27 -17.52 -4.37
CA GLY A 88 4.43 -18.47 -5.46
C GLY A 88 3.86 -18.03 -6.78
N VAL A 89 4.21 -18.78 -7.84
CA VAL A 89 3.79 -18.53 -9.22
C VAL A 89 3.40 -19.86 -9.88
N VAL A 90 2.21 -19.90 -10.51
CA VAL A 90 1.75 -21.08 -11.24
C VAL A 90 1.61 -20.67 -12.72
N SER A 91 2.73 -20.75 -13.46
CA SER A 91 2.82 -20.37 -14.87
C SER A 91 2.64 -21.56 -15.83
N GLN A 92 2.89 -22.79 -15.33
CA GLN A 92 2.75 -24.01 -16.11
C GLN A 92 1.28 -24.42 -16.18
N GLY A 93 0.73 -24.39 -17.39
CA GLY A 93 -0.68 -24.71 -17.65
C GLY A 93 -1.60 -23.57 -17.29
N GLN A 94 -2.92 -23.84 -17.32
CA GLN A 94 -3.95 -22.85 -17.01
C GLN A 94 -4.95 -23.33 -15.94
N PRO A 95 -5.55 -22.46 -15.10
CA PRO A 95 -5.40 -20.99 -15.04
C PRO A 95 -4.03 -20.51 -14.55
N THR A 96 -3.55 -19.37 -15.10
CA THR A 96 -2.28 -18.76 -14.71
C THR A 96 -2.47 -18.13 -13.33
N LEU A 97 -1.61 -18.50 -12.36
CA LEU A 97 -1.75 -18.03 -10.97
C LEU A 97 -0.48 -17.38 -10.40
N VAL A 98 -0.68 -16.43 -9.48
CA VAL A 98 0.35 -15.76 -8.69
C VAL A 98 -0.18 -15.77 -7.26
N ILE A 99 0.55 -16.46 -6.37
CA ILE A 99 0.19 -16.65 -4.97
C ILE A 99 0.76 -15.51 -4.14
N MET A 100 -0.12 -14.85 -3.38
CA MET A 100 0.23 -13.70 -2.55
C MET A 100 -0.16 -13.92 -1.09
N GLU A 101 0.45 -13.11 -0.20
CA GLU A 101 0.17 -13.09 1.23
C GLU A 101 -1.27 -12.56 1.40
N LEU A 102 -2.06 -13.22 2.27
CA LEU A 102 -3.45 -12.84 2.52
C LEU A 102 -3.59 -11.71 3.54
N MET A 103 -4.35 -10.67 3.16
CA MET A 103 -4.65 -9.50 3.98
C MET A 103 -6.17 -9.45 4.09
N THR A 104 -6.72 -10.12 5.12
CA THR A 104 -8.16 -10.29 5.37
C THR A 104 -9.01 -9.02 5.54
N ARG A 105 -8.39 -7.90 5.95
CA ARG A 105 -9.12 -6.65 6.19
C ARG A 105 -9.12 -5.65 5.02
N GLY A 106 -8.64 -6.09 3.86
CA GLY A 106 -8.61 -5.30 2.63
C GLY A 106 -7.70 -4.09 2.66
N ASP A 107 -7.96 -3.12 1.76
CA ASP A 107 -7.17 -1.91 1.68
C ASP A 107 -7.43 -0.95 2.83
N LEU A 108 -6.41 -0.13 3.19
CA LEU A 108 -6.49 0.83 4.29
C LEU A 108 -7.60 1.88 4.09
N LYS A 109 -7.85 2.32 2.85
CA LYS A 109 -8.93 3.28 2.55
C LYS A 109 -10.29 2.65 2.87
N SER A 110 -10.48 1.36 2.47
CA SER A 110 -11.69 0.60 2.73
C SER A 110 -11.87 0.39 4.24
N TYR A 111 -10.76 0.05 4.94
CA TYR A 111 -10.74 -0.15 6.39
C TYR A 111 -11.08 1.14 7.14
N LEU A 112 -10.47 2.27 6.75
CA LEU A 112 -10.71 3.58 7.39
C LEU A 112 -12.14 4.05 7.20
N ARG A 113 -12.72 3.82 6.00
CA ARG A 113 -14.11 4.20 5.71
C ARG A 113 -15.12 3.31 6.45
N SER A 114 -14.73 2.06 6.79
CA SER A 114 -15.57 1.12 7.53
C SER A 114 -15.68 1.52 9.01
N LEU A 115 -14.74 2.35 9.50
CA LEU A 115 -14.69 2.85 10.87
C LEU A 115 -15.56 4.10 11.08
N ARG A 116 -16.07 4.70 9.98
CA ARG A 116 -16.94 5.89 10.01
C ARG A 116 -18.29 5.58 10.67
N PRO A 117 -18.86 6.49 11.49
CA PRO A 117 -20.17 6.19 12.12
C PRO A 117 -21.32 6.17 11.11
N GLU A 118 -22.15 5.11 11.15
CA GLU A 118 -23.28 4.91 10.26
C GLU A 118 -24.44 5.84 10.61
N GLU A 120 -27.30 4.83 12.12
CA GLU A 120 -28.08 5.79 12.91
C GLU A 120 -28.51 5.19 14.26
N ASN A 121 -28.43 6.02 15.34
CA ASN A 121 -28.79 5.70 16.73
C ASN A 121 -27.93 4.65 17.44
N ASN A 122 -27.46 3.62 16.71
CA ASN A 122 -26.62 2.53 17.23
C ASN A 122 -25.25 3.05 17.71
N PRO A 123 -24.63 2.43 18.75
CA PRO A 123 -23.32 2.92 19.21
C PRO A 123 -22.20 2.64 18.23
N VAL A 124 -21.16 3.46 18.28
CA VAL A 124 -20.02 3.35 17.38
C VAL A 124 -18.70 3.43 18.15
N LEU A 125 -17.65 2.74 17.64
CA LEU A 125 -16.32 2.79 18.20
C LEU A 125 -15.78 4.20 17.97
N ALA A 126 -15.10 4.76 18.97
CA ALA A 126 -14.48 6.09 18.91
C ALA A 126 -13.41 6.10 17.79
N PRO A 127 -13.11 7.24 17.13
CA PRO A 127 -12.08 7.24 16.08
C PRO A 127 -10.73 6.69 16.56
N PRO A 128 -9.89 6.08 15.68
CA PRO A 128 -8.61 5.53 16.14
C PRO A 128 -7.77 6.50 16.97
N SER A 129 -7.24 6.01 18.11
CA SER A 129 -6.41 6.79 19.03
C SER A 129 -5.06 7.12 18.39
N LEU A 130 -4.37 8.15 18.92
CA LEU A 130 -3.06 8.60 18.42
C LEU A 130 -2.06 7.43 18.36
N SER A 131 -2.00 6.59 19.40
CA SER A 131 -1.13 5.41 19.48
C SER A 131 -1.40 4.43 18.32
N LYS A 132 -2.70 4.20 18.01
CA LYS A 132 -3.11 3.32 16.90
C LYS A 132 -2.76 3.93 15.54
N MET A 133 -2.85 5.27 15.43
CA MET A 133 -2.51 6.02 14.22
C MET A 133 -0.98 6.03 13.98
N ILE A 134 -0.18 6.18 15.07
CA ILE A 134 1.30 6.17 15.01
C ILE A 134 1.78 4.78 14.61
N GLN A 135 1.13 3.72 15.14
CA GLN A 135 1.45 2.32 14.84
C GLN A 135 1.29 2.06 13.33
N MET A 136 0.19 2.58 12.74
CA MET A 136 -0.07 2.48 11.31
C MET A 136 0.98 3.26 10.53
N ALA A 137 1.29 4.49 10.99
CA ALA A 137 2.27 5.40 10.39
C ALA A 137 3.66 4.76 10.29
N GLY A 138 4.14 4.18 11.39
CA GLY A 138 5.44 3.52 11.47
C GLY A 138 5.57 2.30 10.58
N GLU A 139 4.46 1.55 10.43
CA GLU A 139 4.39 0.34 9.59
C GLU A 139 4.47 0.72 8.11
N ILE A 140 3.70 1.74 7.68
CA ILE A 140 3.70 2.25 6.30
C ILE A 140 5.08 2.82 5.98
N ALA A 141 5.63 3.68 6.88
CA ALA A 141 6.96 4.29 6.74
C ALA A 141 8.08 3.24 6.67
N ASP A 142 7.95 2.13 7.43
CA ASP A 142 8.94 1.04 7.42
C ASP A 142 8.98 0.31 6.08
N GLY A 143 7.79 0.02 5.55
CA GLY A 143 7.63 -0.64 4.25
C GLY A 143 8.18 0.22 3.15
N MET A 144 7.99 1.54 3.26
CA MET A 144 8.48 2.54 2.32
C MET A 144 9.99 2.74 2.42
N ALA A 145 10.55 2.72 3.65
CA ALA A 145 11.99 2.84 3.90
C ALA A 145 12.72 1.63 3.31
N TYR A 146 12.08 0.44 3.35
CA TYR A 146 12.61 -0.79 2.77
C TYR A 146 12.66 -0.66 1.24
N LEU A 147 11.55 -0.18 0.62
CA LEU A 147 11.43 0.00 -0.83
C LEU A 147 12.47 0.99 -1.35
N ASN A 148 12.68 2.11 -0.62
CA ASN A 148 13.65 3.14 -0.96
C ASN A 148 15.09 2.59 -0.91
N ALA A 149 15.39 1.76 0.12
CA ALA A 149 16.69 1.12 0.30
C ALA A 149 16.96 0.09 -0.81
N ASN A 150 15.89 -0.48 -1.38
CA ASN A 150 15.97 -1.45 -2.48
C ASN A 150 15.87 -0.75 -3.85
N LYS A 151 16.15 0.58 -3.87
CA LYS A 151 16.20 1.48 -5.03
C LYS A 151 14.85 1.73 -5.74
N PHE A 152 13.72 1.58 -5.02
CA PHE A 152 12.39 1.80 -5.60
C PHE A 152 11.71 3.10 -5.19
N VAL A 153 10.95 3.69 -6.14
CA VAL A 153 10.12 4.88 -5.97
C VAL A 153 8.69 4.35 -6.22
N HIS A 154 7.81 4.42 -5.20
CA HIS A 154 6.44 3.90 -5.26
C HIS A 154 5.55 4.57 -6.31
N ARG A 155 5.53 5.93 -6.34
CA ARG A 155 4.75 6.77 -7.26
C ARG A 155 3.23 6.81 -7.00
N ASP A 156 2.69 5.83 -6.25
CA ASP A 156 1.25 5.79 -5.95
C ASP A 156 0.94 5.46 -4.47
N LEU A 157 1.73 6.03 -3.54
CA LEU A 157 1.50 5.80 -2.11
C LEU A 157 0.24 6.51 -1.66
N ALA A 158 -0.72 5.72 -1.16
CA ALA A 158 -2.04 6.16 -0.70
C ALA A 158 -2.63 5.08 0.21
N ALA A 159 -3.67 5.41 0.99
CA ALA A 159 -4.37 4.45 1.87
C ALA A 159 -4.97 3.31 1.06
N ARG A 160 -5.48 3.59 -0.16
CA ARG A 160 -6.04 2.60 -1.07
C ARG A 160 -5.00 1.58 -1.58
N ASN A 161 -3.70 1.95 -1.50
CA ASN A 161 -2.57 1.11 -1.91
C ASN A 161 -1.81 0.48 -0.75
N CYS A 162 -2.40 0.56 0.44
CA CYS A 162 -1.92 -0.04 1.67
C CYS A 162 -2.93 -1.11 2.06
N MET A 163 -2.48 -2.23 2.65
CA MET A 163 -3.36 -3.33 3.03
C MET A 163 -3.36 -3.55 4.53
N VAL A 164 -4.47 -4.07 5.08
CA VAL A 164 -4.63 -4.36 6.51
C VAL A 164 -4.75 -5.87 6.74
N ALA A 165 -3.86 -6.42 7.58
CA ALA A 165 -3.84 -7.85 7.92
C ALA A 165 -4.86 -8.17 9.00
N GLU A 166 -5.06 -9.47 9.30
CA GLU A 166 -5.96 -9.98 10.33
C GLU A 166 -5.67 -9.35 11.70
N ASP A 167 -4.37 -9.26 12.08
CA ASP A 167 -3.91 -8.68 13.35
C ASP A 167 -3.82 -7.14 13.34
N PHE A 168 -4.39 -6.49 12.29
CA PHE A 168 -4.43 -5.03 12.06
C PHE A 168 -3.14 -4.37 11.57
N THR A 169 -2.09 -5.18 11.29
CA THR A 169 -0.81 -4.68 10.78
C THR A 169 -1.03 -4.12 9.37
N VAL A 170 -0.61 -2.86 9.14
CA VAL A 170 -0.73 -2.22 7.85
C VAL A 170 0.57 -2.47 7.08
N LYS A 171 0.43 -2.81 5.78
CA LYS A 171 1.57 -3.11 4.90
C LYS A 171 1.39 -2.44 3.56
N ILE A 172 2.50 -2.26 2.81
CA ILE A 172 2.47 -1.70 1.45
C ILE A 172 1.85 -2.79 0.57
N GLY A 173 0.73 -2.47 -0.05
CA GLY A 173 -0.04 -3.40 -0.87
C GLY A 173 0.61 -3.80 -2.18
N ASP A 174 -0.04 -4.73 -2.88
CA ASP A 174 0.41 -5.22 -4.18
C ASP A 174 0.21 -4.13 -5.23
N PHE A 175 1.16 -4.02 -6.17
CA PHE A 175 1.15 -2.98 -7.18
C PHE A 175 0.16 -3.21 -8.33
N GLY A 176 -0.53 -2.13 -8.73
CA GLY A 176 -1.52 -2.15 -9.80
C GLY A 176 -2.80 -2.89 -9.47
N MET A 177 -3.03 -3.18 -8.17
CA MET A 177 -4.21 -3.89 -7.66
C MET A 177 -5.22 -2.92 -7.06
N THR A 178 -4.99 -1.62 -7.27
CA THR A 178 -5.77 -0.47 -6.81
C THR A 178 -7.24 -0.54 -7.22
N ARG A 179 -8.11 0.12 -6.41
CA ARG A 179 -9.55 0.30 -6.64
C ARG A 179 -10.36 -1.05 -6.71
N ASP A 180 -11.31 -1.32 -7.67
CA ASP A 180 -11.78 -0.55 -8.83
C ASP A 180 -12.85 0.52 -8.48
N ILE A 181 -13.13 0.71 -7.18
CA ILE A 181 -14.10 1.70 -6.69
C ILE A 181 -13.49 3.07 -6.36
N TYR A 182 -12.20 3.29 -6.71
CA TYR A 182 -11.49 4.54 -6.46
C TYR A 182 -11.00 5.26 -7.74
N GLU A 183 -11.88 5.33 -8.77
CA GLU A 183 -11.61 5.99 -10.04
C GLU A 183 -11.48 7.51 -9.85
N THR A 184 -12.22 8.05 -8.85
CA THR A 184 -12.25 9.48 -8.49
C THR A 184 -10.89 9.97 -7.95
N ASP A 185 -10.03 9.04 -7.49
CA ASP A 185 -8.70 9.35 -6.95
C ASP A 185 -7.65 9.59 -8.06
N TYR A 186 -8.07 9.50 -9.33
CA TYR A 186 -7.19 9.69 -10.50
C TYR A 186 -7.75 10.70 -11.50
N TYR A 187 -6.85 11.46 -12.12
CA TYR A 187 -7.18 12.50 -13.11
C TYR A 187 -6.28 12.37 -14.35
N ARG A 188 -6.89 12.36 -15.55
CA ARG A 188 -6.19 12.24 -16.83
C ARG A 188 -5.59 13.58 -17.24
N LEU A 194 -5.16 8.33 -14.77
CA LEU A 194 -3.75 8.39 -15.19
C LEU A 194 -2.83 8.78 -14.03
N LEU A 195 -3.10 9.91 -13.36
CA LEU A 195 -2.28 10.39 -12.24
C LEU A 195 -3.07 10.66 -10.94
N PRO A 196 -2.53 10.31 -9.76
CA PRO A 196 -3.25 10.59 -8.51
C PRO A 196 -2.92 11.99 -7.95
N VAL A 197 -3.44 13.03 -8.64
CA VAL A 197 -3.22 14.45 -8.36
C VAL A 197 -3.34 14.93 -6.91
N ARG A 198 -4.34 14.40 -6.17
CA ARG A 198 -4.59 14.78 -4.76
C ARG A 198 -3.54 14.24 -3.78
N TRP A 199 -2.71 13.26 -4.24
CA TRP A 199 -1.64 12.63 -3.45
C TRP A 199 -0.23 13.02 -3.96
N MET A 200 -0.16 13.81 -5.04
CA MET A 200 1.09 14.22 -5.68
C MET A 200 1.76 15.48 -5.13
N SER A 201 3.10 15.46 -5.11
CA SER A 201 3.96 16.56 -4.66
C SER A 201 3.91 17.72 -5.67
N PRO A 202 4.25 18.99 -5.30
CA PRO A 202 4.20 20.08 -6.30
C PRO A 202 5.12 19.87 -7.50
N GLU A 203 6.29 19.23 -7.29
CA GLU A 203 7.25 18.95 -8.36
C GLU A 203 6.74 17.89 -9.35
N SER A 204 6.02 16.86 -8.86
CA SER A 204 5.45 15.80 -9.71
C SER A 204 4.31 16.34 -10.57
N LEU A 205 3.56 17.33 -10.05
CA LEU A 205 2.47 17.97 -10.79
C LEU A 205 3.04 18.90 -11.87
N LYS A 206 4.29 19.41 -11.65
CA LYS A 206 5.00 20.31 -12.57
C LYS A 206 5.72 19.59 -13.71
N ASP A 207 6.67 18.68 -13.41
CA ASP A 207 7.47 17.98 -14.42
C ASP A 207 7.21 16.48 -14.62
N GLY A 208 6.35 15.91 -13.78
CA GLY A 208 6.01 14.49 -13.86
C GLY A 208 7.09 13.55 -13.36
N VAL A 209 8.04 14.09 -12.57
CA VAL A 209 9.15 13.32 -12.00
C VAL A 209 8.82 12.95 -10.54
N PHE A 210 9.00 11.66 -10.21
CA PHE A 210 8.72 11.10 -8.88
C PHE A 210 10.01 10.57 -8.27
N THR A 211 10.24 10.89 -6.99
CA THR A 211 11.40 10.45 -6.20
C THR A 211 10.90 9.92 -4.85
N THR A 212 11.83 9.52 -3.96
CA THR A 212 11.49 9.08 -2.61
C THR A 212 10.94 10.25 -1.77
N TYR A 213 11.33 11.50 -2.15
CA TYR A 213 10.87 12.73 -1.51
C TYR A 213 9.39 12.99 -1.83
N SER A 214 8.96 12.65 -3.06
CA SER A 214 7.55 12.78 -3.48
C SER A 214 6.70 11.68 -2.85
N ASP A 215 7.33 10.52 -2.53
CA ASP A 215 6.69 9.40 -1.84
C ASP A 215 6.40 9.81 -0.39
N VAL A 216 7.32 10.62 0.21
CA VAL A 216 7.20 11.18 1.56
C VAL A 216 6.01 12.16 1.58
N TRP A 217 5.85 12.99 0.52
CA TRP A 217 4.71 13.92 0.39
C TRP A 217 3.41 13.11 0.45
N SER A 218 3.33 12.01 -0.34
CA SER A 218 2.19 11.10 -0.41
C SER A 218 1.91 10.45 0.95
N PHE A 219 2.99 10.11 1.71
CA PHE A 219 2.91 9.54 3.05
C PHE A 219 2.19 10.51 4.00
N GLY A 220 2.48 11.81 3.85
CA GLY A 220 1.85 12.87 4.62
C GLY A 220 0.35 12.91 4.39
N VAL A 221 -0.07 12.66 3.12
CA VAL A 221 -1.48 12.58 2.71
C VAL A 221 -2.11 11.30 3.29
N VAL A 222 -1.33 10.20 3.41
CA VAL A 222 -1.79 8.94 4.02
C VAL A 222 -2.12 9.20 5.50
N LEU A 223 -1.26 9.97 6.20
CA LEU A 223 -1.47 10.36 7.61
C LEU A 223 -2.78 11.15 7.74
N TRP A 224 -3.01 12.09 6.80
CA TRP A 224 -4.21 12.91 6.71
C TRP A 224 -5.45 12.02 6.48
N GLU A 225 -5.31 10.97 5.64
CA GLU A 225 -6.38 10.01 5.37
C GLU A 225 -6.74 9.23 6.64
N ILE A 226 -5.72 8.82 7.43
CA ILE A 226 -5.90 8.10 8.70
C ILE A 226 -6.66 8.98 9.70
N ALA A 227 -6.27 10.26 9.82
CA ALA A 227 -6.87 11.25 10.73
C ALA A 227 -8.29 11.68 10.34
N THR A 228 -8.65 11.58 9.05
CA THR A 228 -9.97 11.98 8.53
C THR A 228 -10.88 10.78 8.22
N LEU A 229 -10.36 9.55 8.41
CA LEU A 229 -11.04 8.28 8.09
C LEU A 229 -11.34 8.18 6.59
N ALA A 230 -10.27 8.36 5.80
CA ALA A 230 -10.22 8.30 4.34
C ALA A 230 -11.15 9.27 3.60
N GLU A 231 -11.10 10.56 3.98
CA GLU A 231 -11.86 11.61 3.32
C GLU A 231 -11.10 11.97 2.04
N GLN A 232 -11.80 12.58 1.05
CA GLN A 232 -11.15 12.99 -0.19
C GLN A 232 -10.26 14.21 0.08
N PRO A 233 -8.93 14.13 -0.15
CA PRO A 233 -8.07 15.30 0.09
C PRO A 233 -8.47 16.46 -0.83
N TYR A 234 -8.57 17.68 -0.26
CA TYR A 234 -8.98 18.91 -0.96
C TYR A 234 -10.42 18.74 -1.49
N GLN A 235 -11.30 18.18 -0.63
CA GLN A 235 -12.71 17.84 -0.87
C GLN A 235 -13.52 18.89 -1.65
N GLY A 236 -13.44 20.15 -1.23
CA GLY A 236 -14.16 21.26 -1.86
C GLY A 236 -13.55 21.78 -3.15
N LEU A 237 -12.49 21.12 -3.66
CA LEU A 237 -11.80 21.53 -4.88
C LEU A 237 -11.80 20.45 -5.95
N SER A 238 -11.98 20.86 -7.21
CA SER A 238 -11.95 19.97 -8.38
C SER A 238 -10.49 19.62 -8.69
N ASN A 239 -10.26 18.56 -9.50
CA ASN A 239 -8.92 18.10 -9.89
C ASN A 239 -8.03 19.22 -10.45
N GLU A 240 -8.59 20.12 -11.28
CA GLU A 240 -7.88 21.26 -11.86
C GLU A 240 -7.53 22.29 -10.79
N GLN A 241 -8.44 22.52 -9.81
CA GLN A 241 -8.23 23.43 -8.69
C GLN A 241 -7.14 22.89 -7.75
N VAL A 242 -7.09 21.55 -7.56
CA VAL A 242 -6.10 20.86 -6.71
C VAL A 242 -4.70 21.09 -7.29
N LEU A 243 -4.54 20.94 -8.63
CA LEU A 243 -3.29 21.14 -9.37
C LEU A 243 -2.70 22.52 -9.06
N ARG A 244 -3.49 23.59 -9.27
CA ARG A 244 -3.11 24.98 -9.02
C ARG A 244 -2.80 25.25 -7.55
N PHE A 245 -3.72 24.84 -6.64
CA PHE A 245 -3.59 25.03 -5.19
C PHE A 245 -2.30 24.46 -4.60
N VAL A 246 -1.98 23.19 -4.91
CA VAL A 246 -0.76 22.51 -4.43
C VAL A 246 0.52 23.14 -5.01
N MET A 247 0.53 23.44 -6.34
CA MET A 247 1.67 24.05 -7.03
C MET A 247 1.94 25.49 -6.55
N GLU A 248 0.89 26.20 -6.08
CA GLU A 248 1.01 27.57 -5.56
C GLU A 248 1.41 27.63 -4.07
N GLY A 249 1.61 26.46 -3.45
CA GLY A 249 2.03 26.34 -2.06
C GLY A 249 0.94 26.03 -1.05
N GLY A 250 -0.24 25.68 -1.54
CA GLY A 250 -1.39 25.33 -0.70
C GLY A 250 -1.24 24.00 0.00
N LEU A 251 -1.79 23.91 1.21
CA LEU A 251 -1.71 22.70 2.04
C LEU A 251 -3.07 22.27 2.58
N LEU A 252 -3.20 20.98 2.94
CA LEU A 252 -4.42 20.41 3.54
C LEU A 252 -4.58 20.97 4.95
N ASP A 253 -5.82 21.23 5.37
CA ASP A 253 -6.14 21.75 6.70
C ASP A 253 -5.91 20.68 7.76
N LYS A 254 -5.66 21.10 9.02
CA LYS A 254 -5.49 20.20 10.15
C LYS A 254 -6.85 19.54 10.42
N PRO A 255 -6.93 18.19 10.35
CA PRO A 255 -8.22 17.51 10.58
C PRO A 255 -8.79 17.77 11.97
N ASP A 256 -10.13 17.69 12.08
CA ASP A 256 -10.84 17.89 13.35
C ASP A 256 -10.43 16.80 14.32
N ASN A 257 -10.03 17.20 15.55
CA ASN A 257 -9.58 16.32 16.65
C ASN A 257 -8.22 15.63 16.40
N CYS A 258 -7.49 16.04 15.35
CA CYS A 258 -6.18 15.49 15.00
C CYS A 258 -5.11 16.08 15.93
N PRO A 259 -4.36 15.25 16.68
CA PRO A 259 -3.33 15.80 17.58
C PRO A 259 -2.24 16.54 16.79
N ASP A 260 -1.76 17.66 17.35
CA ASP A 260 -0.73 18.53 16.75
C ASP A 260 0.56 17.79 16.39
N MET A 261 0.87 16.71 17.12
CA MET A 261 2.03 15.85 16.91
C MET A 261 1.94 15.17 15.53
N LEU A 262 0.76 14.64 15.18
CA LEU A 262 0.51 13.97 13.90
C LEU A 262 0.46 14.98 12.74
N PHE A 263 -0.11 16.17 12.97
CA PHE A 263 -0.18 17.23 11.96
C PHE A 263 1.18 17.87 11.67
N GLU A 264 2.07 17.94 12.70
CA GLU A 264 3.43 18.47 12.55
C GLU A 264 4.23 17.56 11.61
N LEU A 265 4.00 16.23 11.71
CA LEU A 265 4.61 15.21 10.88
C LEU A 265 4.12 15.37 9.43
N MET A 266 2.81 15.69 9.24
CA MET A 266 2.20 15.95 7.93
C MET A 266 2.86 17.16 7.28
N ARG A 267 3.03 18.25 8.05
CA ARG A 267 3.66 19.51 7.61
C ARG A 267 5.12 19.30 7.18
N MET A 268 5.85 18.40 7.87
CA MET A 268 7.24 18.02 7.54
C MET A 268 7.27 17.36 6.16
N CYS A 269 6.31 16.46 5.89
CA CYS A 269 6.15 15.75 4.61
C CYS A 269 5.69 16.71 3.52
N TRP A 270 4.98 17.79 3.90
CA TRP A 270 4.44 18.77 2.97
C TRP A 270 5.30 20.02 2.69
N GLN A 271 6.61 19.94 2.99
CA GLN A 271 7.54 21.04 2.70
C GLN A 271 7.65 21.17 1.19
N TYR A 272 7.55 22.41 0.66
CA TYR A 272 7.59 22.66 -0.78
C TYR A 272 8.86 22.11 -1.44
N ASN A 273 10.02 22.34 -0.80
CA ASN A 273 11.30 21.86 -1.28
C ASN A 273 11.41 20.36 -0.95
N PRO A 274 11.54 19.47 -1.97
CA PRO A 274 11.64 18.03 -1.70
C PRO A 274 12.80 17.61 -0.79
N LYS A 275 13.92 18.36 -0.85
CA LYS A 275 15.12 18.12 -0.05
C LYS A 275 14.92 18.47 1.45
N MET A 276 13.91 19.29 1.77
CA MET A 276 13.59 19.70 3.14
C MET A 276 12.65 18.73 3.86
N ARG A 277 12.05 17.78 3.12
CA ARG A 277 11.15 16.77 3.67
C ARG A 277 11.97 15.70 4.38
N PRO A 278 11.49 15.11 5.50
CA PRO A 278 12.29 14.06 6.16
C PRO A 278 12.26 12.76 5.36
N SER A 279 13.28 11.92 5.51
CA SER A 279 13.33 10.62 4.83
C SER A 279 12.40 9.67 5.59
N PHE A 280 12.06 8.50 5.00
CA PHE A 280 11.22 7.52 5.67
C PHE A 280 11.90 7.01 6.95
N LEU A 281 13.24 6.89 6.93
CA LEU A 281 14.04 6.49 8.09
C LEU A 281 13.96 7.54 9.20
N GLU A 282 13.97 8.83 8.82
CA GLU A 282 13.86 9.97 9.73
C GLU A 282 12.47 10.01 10.39
N ILE A 283 11.42 9.62 9.62
CA ILE A 283 10.03 9.55 10.11
C ILE A 283 9.91 8.48 11.19
N ILE A 284 10.43 7.25 10.93
CA ILE A 284 10.41 6.13 11.88
C ILE A 284 11.16 6.52 13.17
N SER A 285 12.34 7.14 13.03
CA SER A 285 13.20 7.59 14.13
C SER A 285 12.47 8.50 15.12
N SER A 286 11.64 9.42 14.61
CA SER A 286 10.87 10.36 15.43
C SER A 286 9.71 9.70 16.18
N ILE A 287 9.24 8.51 15.71
CA ILE A 287 8.09 7.81 16.29
C ILE A 287 8.39 6.39 16.84
N LYS A 288 9.66 5.92 16.75
CA LYS A 288 10.10 4.59 17.18
C LYS A 288 9.76 4.22 18.63
N GLU A 289 9.79 5.22 19.54
CA GLU A 289 9.48 5.08 20.96
C GLU A 289 8.01 4.73 21.19
N GLU A 290 7.12 5.15 20.26
CA GLU A 290 5.68 4.93 20.34
C GLU A 290 5.18 3.66 19.66
N MET A 291 6.07 2.97 18.93
CA MET A 291 5.75 1.71 18.25
C MET A 291 5.67 0.57 19.24
N GLU A 292 4.86 -0.48 18.93
CA GLU A 292 4.71 -1.67 19.77
C GLU A 292 6.07 -2.36 19.95
N PRO A 293 6.39 -2.98 21.12
CA PRO A 293 7.71 -3.62 21.30
C PRO A 293 8.15 -4.60 20.21
N GLY A 294 7.16 -5.25 19.57
CA GLY A 294 7.38 -6.21 18.48
C GLY A 294 8.00 -5.62 17.22
N PHE A 295 7.83 -4.30 17.00
CA PHE A 295 8.37 -3.55 15.85
C PHE A 295 9.89 -3.69 15.74
N ARG A 296 10.60 -3.66 16.88
CA ARG A 296 12.06 -3.81 16.97
C ARG A 296 12.57 -5.16 16.44
N GLU A 297 11.68 -6.17 16.35
CA GLU A 297 12.02 -7.52 15.90
C GLU A 297 11.59 -7.85 14.46
N VAL A 298 10.59 -7.12 13.93
CA VAL A 298 10.02 -7.38 12.59
C VAL A 298 10.35 -6.34 11.51
N SER A 299 10.58 -5.07 11.90
CA SER A 299 10.83 -3.95 11.00
C SER A 299 12.13 -4.02 10.20
N PHE A 300 12.14 -3.31 9.05
CA PHE A 300 13.35 -3.15 8.24
C PHE A 300 14.28 -2.19 8.98
N TYR A 301 13.69 -1.19 9.68
CA TYR A 301 14.41 -0.16 10.45
C TYR A 301 15.42 -0.75 11.43
N TYR A 302 15.02 -1.81 12.15
CA TYR A 302 15.86 -2.47 13.15
C TYR A 302 16.66 -3.68 12.62
N SER A 303 16.45 -4.06 11.34
CA SER A 303 17.15 -5.19 10.72
C SER A 303 18.59 -4.82 10.32
N GLU A 304 19.46 -5.82 10.06
CA GLU A 304 20.84 -5.58 9.65
C GLU A 304 20.94 -4.94 8.24
N GLU A 305 19.89 -5.09 7.42
CA GLU A 305 19.76 -4.53 6.07
C GLU A 305 19.82 -3.00 6.06
N ASN A 306 19.28 -2.36 7.11
CA ASN A 306 19.31 -0.90 7.25
C ASN A 306 20.67 -0.46 7.80
N LYS A 307 21.57 -0.08 6.89
CA LYS A 307 22.94 0.37 7.21
C LYS A 307 23.44 1.46 6.28
N1 EBI B . -4.76 -9.98 0.16
C2 EBI B . -5.76 -9.29 -0.46
C3 EBI B . -5.19 -8.92 -1.73
C4 EBI B . -3.85 -9.42 -1.80
N5 EBI B . -3.66 -10.04 -0.62
N6 EBI B . -7.07 -9.05 0.15
C7 EBI B . -2.83 -9.30 -2.95
C8 EBI B . -3.40 -10.48 -3.65
C9 EBI B . -3.67 -9.11 -4.15
C10 EBI B . -11.27 -7.46 1.03
C11 EBI B . -10.80 -8.12 2.19
C12 EBI B . -9.51 -8.60 1.92
C13 EBI B . -9.26 -8.21 0.55
N14 EBI B . -10.34 -7.52 0.04
C15 EBI B . -8.17 -8.37 -0.33
N16 EBI B . -8.19 -7.88 -1.61
N17 EBI B . -10.32 -7.04 -1.26
C18 EBI B . -9.26 -7.21 -2.07
C19 EBI B . -10.31 -5.83 -3.77
C20 EBI B . -9.85 -5.31 -5.12
C21 EBI B . -8.81 -6.34 -5.57
C22 EBI B . -8.27 -7.09 -4.35
N23 EBI B . -9.27 -6.73 -3.33
C24 EBI B . -6.83 -6.52 -4.15
N25 EBI B . -6.75 -5.40 -3.36
O26 EBI B . -5.87 -7.07 -4.71
C27 EBI B . -8.28 -8.63 -4.57
C28 EBI B . -5.67 -4.62 -3.19
C29 EBI B . -5.72 -3.21 -3.20
C30 EBI B . -4.60 -2.41 -3.01
C31 EBI B . -3.40 -3.07 -2.81
N32 EBI B . -3.31 -4.45 -2.80
C33 EBI B . -4.42 -5.21 -2.98
F34 EBI B . -2.32 -2.28 -2.64
#